data_6ON9
#
_entry.id   6ON9
#
_cell.length_a   80.078
_cell.length_b   80.078
_cell.length_c   166.622
_cell.angle_alpha   90.00
_cell.angle_beta   90.00
_cell.angle_gamma   90.00
#
_symmetry.space_group_name_H-M   'P 41 21 2'
#
loop_
_entity.id
_entity.type
_entity.pdbx_description
1 polymer 'Zwei Ig domain protein zig-8'
2 polymer 'NeuRonal IgCAM-5'
3 branched alpha-L-fucopyranose-(1-6)-2-acetamido-2-deoxy-beta-D-glucopyranose
4 non-polymer 'SULFATE ION'
5 non-polymer 'SODIUM ION'
6 water water
#
loop_
_entity_poly.entity_id
_entity_poly.type
_entity_poly.pdbx_seq_one_letter_code
_entity_poly.pdbx_strand_id
1 'polypeptide(L)'
;ADPASEEVMACLRQERSRVENPSQTIVNVVAENPAYLHCSVPPDAEHEIAWTRVSDGALLTAGNRTFTRDPRWQVSKKSA
NIWVLNLRRAEQQDSGCYLCEINDKHNTVYAVYLKVLEPHHHHHH
;
A
2 'polypeptide(L)'
;GSGAPPTIQQPSMSSAVALLGQDVDFTCIVNDLGSHMVAFVKADSPPRLLSFDEKVFRRRNKYELKPRIGDLHNEWVLTI
KNVQESDRGNYSCQINTEPITLSTGELDVKVPHHHHHH
;
B
#
# COMPACT_ATOMS: atom_id res chain seq x y z
N ALA A 4 -5.03 -6.10 -23.76
CA ALA A 4 -6.09 -5.71 -22.85
C ALA A 4 -6.50 -6.88 -21.98
N SER A 5 -6.63 -8.06 -22.61
CA SER A 5 -6.89 -9.28 -21.86
C SER A 5 -5.75 -9.58 -20.90
N GLU A 6 -4.51 -9.49 -21.41
CA GLU A 6 -3.36 -9.71 -20.55
C GLU A 6 -3.42 -8.78 -19.36
N GLU A 7 -3.76 -7.52 -19.60
CA GLU A 7 -3.76 -6.53 -18.51
C GLU A 7 -4.81 -6.83 -17.44
N VAL A 8 -6.02 -7.19 -17.85
CA VAL A 8 -7.05 -7.55 -16.87
C VAL A 8 -6.63 -8.78 -16.07
N MET A 9 -6.21 -9.85 -16.78
CA MET A 9 -5.80 -11.08 -16.09
C MET A 9 -4.64 -10.83 -15.15
N ALA A 10 -3.67 -9.99 -15.56
CA ALA A 10 -2.52 -9.73 -14.68
C ALA A 10 -2.95 -8.99 -13.42
N CYS A 11 -4.01 -8.21 -13.52
CA CYS A 11 -4.60 -7.59 -12.33
C CYS A 11 -5.31 -8.64 -11.45
N LEU A 12 -6.25 -9.39 -12.02
CA LEU A 12 -7.05 -10.28 -11.20
C LEU A 12 -6.23 -11.40 -10.58
N ARG A 13 -5.14 -11.82 -11.22
CA ARG A 13 -4.25 -12.86 -10.67
C ARG A 13 -3.58 -12.44 -9.39
N GLN A 14 -3.70 -11.16 -8.99
CA GLN A 14 -3.01 -10.68 -7.80
C GLN A 14 -3.84 -10.90 -6.54
N GLU A 15 -5.08 -11.36 -6.69
CA GLU A 15 -5.89 -11.68 -5.53
C GLU A 15 -5.23 -12.80 -4.69
N ARG A 16 -5.32 -12.66 -3.38
CA ARG A 16 -4.71 -13.62 -2.44
C ARG A 16 -5.72 -13.79 -1.33
N SER A 17 -6.55 -14.82 -1.43
CA SER A 17 -7.68 -14.88 -0.53
C SER A 17 -8.02 -16.33 -0.22
N ARG A 18 -8.58 -16.55 0.96
CA ARG A 18 -9.15 -17.85 1.33
C ARG A 18 -10.62 -17.92 0.95
N VAL A 19 -11.29 -16.77 0.99
CA VAL A 19 -12.69 -16.62 0.57
C VAL A 19 -12.67 -15.86 -0.75
N GLU A 20 -13.16 -16.51 -1.81
CA GLU A 20 -13.18 -15.88 -3.14
C GLU A 20 -13.89 -14.51 -3.10
N ASN A 21 -13.34 -13.51 -3.83
CA ASN A 21 -13.96 -12.18 -3.82
C ASN A 21 -15.45 -12.27 -4.18
N PRO A 22 -16.37 -11.85 -3.29
CA PRO A 22 -17.80 -11.89 -3.65
C PRO A 22 -18.27 -10.70 -4.45
N SER A 23 -17.45 -9.68 -4.68
CA SER A 23 -17.88 -8.49 -5.38
C SER A 23 -17.44 -8.52 -6.85
N GLN A 24 -17.90 -7.53 -7.61
CA GLN A 24 -17.41 -7.27 -8.96
C GLN A 24 -15.92 -6.99 -8.95
N THR A 25 -15.22 -7.57 -9.92
CA THR A 25 -13.80 -7.35 -9.99
C THR A 25 -13.39 -6.74 -11.31
N ILE A 26 -14.35 -6.50 -12.22
CA ILE A 26 -14.07 -5.73 -13.43
C ILE A 26 -15.12 -4.63 -13.50
N VAL A 27 -14.70 -3.36 -13.50
CA VAL A 27 -15.63 -2.24 -13.47
C VAL A 27 -15.34 -1.34 -14.68
N ASN A 28 -16.30 -1.22 -15.58
CA ASN A 28 -16.24 -0.27 -16.69
C ASN A 28 -17.12 0.92 -16.35
N VAL A 29 -16.58 2.16 -16.48
CA VAL A 29 -17.37 3.39 -16.36
C VAL A 29 -17.01 4.34 -17.49
N VAL A 30 -17.87 5.36 -17.71
CA VAL A 30 -17.56 6.41 -18.67
C VAL A 30 -16.78 7.53 -17.95
N ALA A 31 -15.72 8.03 -18.58
CA ALA A 31 -15.00 9.19 -18.04
C ALA A 31 -15.95 10.32 -17.65
N GLU A 32 -15.62 11.02 -16.57
CA GLU A 32 -16.39 12.09 -15.95
C GLU A 32 -17.48 11.60 -15.01
N ASN A 33 -17.68 10.34 -14.89
CA ASN A 33 -18.59 9.80 -13.92
C ASN A 33 -17.83 9.21 -12.74
N PRO A 34 -18.50 9.04 -11.61
CA PRO A 34 -17.85 8.40 -10.47
C PRO A 34 -17.63 6.93 -10.74
N ALA A 35 -16.63 6.35 -10.06
CA ALA A 35 -16.44 4.91 -10.01
C ALA A 35 -16.48 4.44 -8.57
N TYR A 36 -16.93 3.19 -8.37
CA TYR A 36 -17.14 2.63 -7.04
C TYR A 36 -16.52 1.24 -7.01
N LEU A 37 -15.46 1.03 -6.22
CA LEU A 37 -14.83 -0.29 -6.15
C LEU A 37 -15.08 -0.89 -4.78
N HIS A 38 -15.46 -2.17 -4.69
CA HIS A 38 -15.93 -2.72 -3.43
C HIS A 38 -14.92 -3.68 -2.81
N CYS A 39 -14.86 -3.67 -1.48
CA CYS A 39 -14.01 -4.58 -0.71
C CYS A 39 -14.83 -5.19 0.41
N SER A 40 -15.04 -6.50 0.35
CA SER A 40 -15.83 -7.19 1.36
C SER A 40 -14.90 -7.68 2.47
N VAL A 41 -15.27 -7.47 3.73
CA VAL A 41 -14.42 -7.89 4.83
C VAL A 41 -15.17 -8.95 5.64
N PRO A 42 -14.46 -9.68 6.48
CA PRO A 42 -15.08 -10.67 7.32
C PRO A 42 -16.12 -10.04 8.24
N PRO A 43 -17.21 -10.75 8.49
CA PRO A 43 -18.29 -10.17 9.29
C PRO A 43 -18.03 -10.33 10.77
N ASP A 44 -18.62 -9.41 11.53
CA ASP A 44 -18.56 -9.44 12.99
C ASP A 44 -17.10 -9.40 13.47
N ALA A 45 -16.36 -8.43 12.95
CA ALA A 45 -15.01 -8.11 13.35
C ALA A 45 -14.67 -6.76 12.76
N GLU A 46 -13.77 -6.03 13.43
CA GLU A 46 -13.48 -4.64 13.05
C GLU A 46 -12.14 -4.60 12.30
N HIS A 47 -12.18 -5.02 11.04
CA HIS A 47 -10.97 -5.00 10.22
C HIS A 47 -10.72 -3.64 9.58
N GLU A 48 -9.43 -3.30 9.45
CA GLU A 48 -9.00 -2.18 8.63
C GLU A 48 -8.60 -2.67 7.26
N ILE A 49 -8.81 -1.83 6.25
CA ILE A 49 -8.42 -2.11 4.88
C ILE A 49 -7.58 -0.97 4.37
N ALA A 50 -6.91 -1.24 3.25
CA ALA A 50 -6.14 -0.23 2.56
C ALA A 50 -6.28 -0.45 1.07
N TRP A 51 -6.47 0.64 0.34
CA TRP A 51 -6.54 0.58 -1.11
C TRP A 51 -5.28 1.14 -1.75
N THR A 52 -4.76 0.42 -2.74
CA THR A 52 -3.52 0.80 -3.40
C THR A 52 -3.73 0.85 -4.90
N ARG A 53 -3.11 1.82 -5.58
CA ARG A 53 -3.17 1.86 -7.04
C ARG A 53 -1.95 1.13 -7.60
N VAL A 54 -2.17 0.11 -8.44
CA VAL A 54 -1.00 -0.75 -8.79
C VAL A 54 -0.06 -0.05 -9.79
N SER A 55 -0.58 0.80 -10.70
CA SER A 55 0.30 1.35 -11.74
C SER A 55 1.54 2.01 -11.14
N ASP A 56 1.38 2.82 -10.11
CA ASP A 56 2.56 3.41 -9.47
C ASP A 56 2.79 2.87 -8.07
N GLY A 57 1.86 2.09 -7.53
CA GLY A 57 2.01 1.63 -6.15
C GLY A 57 1.48 2.64 -5.12
N ALA A 58 0.80 3.69 -5.55
CA ALA A 58 0.38 4.74 -4.61
C ALA A 58 -0.63 4.18 -3.61
N LEU A 59 -0.37 4.43 -2.34
CA LEU A 59 -1.37 4.09 -1.33
C LEU A 59 -2.49 5.15 -1.39
N LEU A 60 -3.73 4.71 -1.62
CA LEU A 60 -4.79 5.68 -1.76
C LEU A 60 -5.49 5.96 -0.43
N THR A 61 -5.88 4.91 0.28
CA THR A 61 -6.60 5.03 1.53
C THR A 61 -6.09 3.98 2.47
N ALA A 62 -6.16 4.24 3.78
CA ALA A 62 -5.72 3.25 4.74
C ALA A 62 -6.53 3.51 5.98
N GLY A 63 -7.04 2.44 6.58
CA GLY A 63 -8.09 2.57 7.59
C GLY A 63 -9.21 3.49 7.11
N ASN A 64 -9.65 4.35 8.02
CA ASN A 64 -10.79 5.24 7.93
C ASN A 64 -10.52 6.52 7.12
N ARG A 65 -9.34 6.68 6.53
CA ARG A 65 -8.92 7.99 6.04
C ARG A 65 -8.26 7.84 4.68
N THR A 66 -8.47 8.82 3.85
CA THR A 66 -7.70 8.98 2.62
C THR A 66 -6.25 9.23 2.97
N PHE A 67 -5.36 8.62 2.20
CA PHE A 67 -3.91 8.81 2.35
C PHE A 67 -3.41 9.71 1.23
N THR A 68 -3.83 9.40 0.00
CA THR A 68 -3.43 10.20 -1.16
C THR A 68 -3.90 11.64 -0.96
N ARG A 69 -3.18 12.60 -1.56
CA ARG A 69 -3.65 14.00 -1.55
C ARG A 69 -4.52 14.34 -2.77
N ASP A 70 -4.66 13.44 -3.73
CA ASP A 70 -5.62 13.59 -4.84
C ASP A 70 -7.00 13.66 -4.19
N PRO A 71 -7.72 14.78 -4.32
CA PRO A 71 -8.94 14.93 -3.52
C PRO A 71 -10.09 14.11 -4.06
N ARG A 72 -9.94 13.42 -5.19
CA ARG A 72 -11.11 12.73 -5.78
C ARG A 72 -11.43 11.38 -5.11
N TRP A 73 -10.63 10.94 -4.14
CA TRP A 73 -10.75 9.58 -3.60
C TRP A 73 -11.28 9.65 -2.18
N GLN A 74 -12.26 8.78 -1.85
CA GLN A 74 -12.75 8.65 -0.48
C GLN A 74 -13.09 7.19 -0.24
N VAL A 75 -12.95 6.76 1.00
CA VAL A 75 -13.36 5.42 1.38
C VAL A 75 -14.52 5.56 2.34
N SER A 76 -15.50 4.70 2.20
CA SER A 76 -16.62 4.68 3.13
C SER A 76 -17.10 3.24 3.33
N LYS A 77 -17.95 3.08 4.34
CA LYS A 77 -18.61 1.83 4.69
C LYS A 77 -19.99 1.82 4.03
N LYS A 78 -20.20 0.94 3.04
CA LYS A 78 -21.50 0.83 2.39
C LYS A 78 -22.47 -0.01 3.21
N SER A 79 -22.03 -1.10 3.81
CA SER A 79 -22.87 -1.87 4.71
C SER A 79 -21.96 -2.53 5.74
N ALA A 80 -22.53 -3.44 6.53
CA ALA A 80 -21.80 -4.04 7.64
C ALA A 80 -20.45 -4.58 7.18
N ASN A 81 -20.42 -5.30 6.06
CA ASN A 81 -19.18 -5.95 5.64
C ASN A 81 -18.65 -5.48 4.29
N ILE A 82 -19.08 -4.33 3.78
CA ILE A 82 -18.61 -3.87 2.48
C ILE A 82 -18.05 -2.46 2.61
N TRP A 83 -16.78 -2.29 2.22
CA TRP A 83 -16.17 -0.98 2.09
C TRP A 83 -16.19 -0.57 0.62
N VAL A 84 -16.24 0.74 0.37
CA VAL A 84 -16.25 1.28 -0.98
C VAL A 84 -15.11 2.27 -1.13
N LEU A 85 -14.27 2.07 -2.15
CA LEU A 85 -13.38 3.12 -2.63
C LEU A 85 -14.16 3.95 -3.67
N ASN A 86 -14.41 5.23 -3.38
CA ASN A 86 -15.22 6.11 -4.26
C ASN A 86 -14.27 7.01 -5.06
N LEU A 87 -14.31 6.94 -6.38
CA LEU A 87 -13.55 7.88 -7.20
C LEU A 87 -14.56 8.89 -7.75
N ARG A 88 -14.47 10.14 -7.30
CA ARG A 88 -15.63 11.02 -7.53
C ARG A 88 -15.73 11.50 -8.97
N ARG A 89 -14.65 11.45 -9.75
CA ARG A 89 -14.79 11.84 -11.16
C ARG A 89 -13.69 11.08 -11.89
N ALA A 90 -14.05 10.05 -12.63
CA ALA A 90 -13.07 9.17 -13.23
C ALA A 90 -12.54 9.75 -14.55
N GLU A 91 -11.26 9.51 -14.82
CA GLU A 91 -10.68 9.94 -16.09
C GLU A 91 -10.06 8.70 -16.75
N GLN A 92 -9.81 8.76 -18.07
CA GLN A 92 -9.28 7.56 -18.74
C GLN A 92 -7.98 7.09 -18.08
N GLN A 93 -7.11 8.02 -17.71
CA GLN A 93 -5.86 7.67 -17.05
C GLN A 93 -6.04 7.03 -15.67
N ASP A 94 -7.24 7.00 -15.09
CA ASP A 94 -7.44 6.21 -13.87
C ASP A 94 -7.63 4.72 -14.15
N SER A 95 -7.72 4.33 -15.42
CA SER A 95 -7.88 2.91 -15.74
C SER A 95 -6.72 2.11 -15.16
N GLY A 96 -7.01 0.91 -14.66
CA GLY A 96 -5.97 -0.02 -14.30
C GLY A 96 -6.35 -0.79 -13.06
N CYS A 97 -5.32 -1.37 -12.41
CA CYS A 97 -5.50 -2.31 -11.32
C CYS A 97 -5.46 -1.60 -9.98
N TYR A 98 -6.38 -1.99 -9.09
CA TYR A 98 -6.49 -1.46 -7.73
C TYR A 98 -6.59 -2.65 -6.78
N LEU A 99 -5.96 -2.56 -5.60
CA LEU A 99 -5.88 -3.65 -4.64
C LEU A 99 -6.47 -3.18 -3.33
N CYS A 100 -7.31 -4.00 -2.72
CA CYS A 100 -7.74 -3.77 -1.35
C CYS A 100 -7.06 -4.81 -0.47
N GLU A 101 -6.24 -4.38 0.47
CA GLU A 101 -5.62 -5.31 1.42
C GLU A 101 -6.34 -5.21 2.77
N ILE A 102 -6.60 -6.34 3.39
CA ILE A 102 -7.34 -6.39 4.64
C ILE A 102 -6.40 -6.85 5.74
N ASN A 103 -6.53 -6.28 6.94
CA ASN A 103 -5.58 -6.70 7.98
C ASN A 103 -6.07 -7.93 8.74
N ASP A 104 -6.64 -8.91 8.04
CA ASP A 104 -7.17 -10.11 8.67
C ASP A 104 -6.07 -11.16 8.82
N LYS A 105 -6.39 -12.29 9.45
CA LYS A 105 -5.35 -13.26 9.75
C LYS A 105 -4.75 -13.83 8.48
N HIS A 106 -5.55 -14.01 7.43
CA HIS A 106 -5.01 -14.55 6.19
C HIS A 106 -4.44 -13.47 5.29
N ASN A 107 -4.40 -12.24 5.76
CA ASN A 107 -3.84 -11.11 4.99
C ASN A 107 -4.40 -11.08 3.57
N THR A 108 -5.73 -10.96 3.50
CA THR A 108 -6.42 -11.01 2.23
C THR A 108 -6.06 -9.82 1.32
N VAL A 109 -5.83 -10.09 0.04
CA VAL A 109 -5.78 -9.06 -1.00
C VAL A 109 -6.85 -9.36 -2.06
N TYR A 110 -7.70 -8.38 -2.33
CA TYR A 110 -8.66 -8.42 -3.44
C TYR A 110 -8.19 -7.47 -4.55
N ALA A 111 -8.32 -7.89 -5.80
CA ALA A 111 -7.90 -7.08 -6.94
C ALA A 111 -9.11 -6.71 -7.76
N VAL A 112 -9.14 -5.48 -8.25
CA VAL A 112 -10.27 -4.99 -9.03
C VAL A 112 -9.69 -4.23 -10.21
N TYR A 113 -10.17 -4.55 -11.42
CA TYR A 113 -9.67 -3.87 -12.59
C TYR A 113 -10.68 -2.79 -12.98
N LEU A 114 -10.25 -1.55 -13.08
CA LEU A 114 -11.12 -0.43 -13.45
C LEU A 114 -10.78 0.04 -14.86
N LYS A 115 -11.79 0.11 -15.72
CA LYS A 115 -11.63 0.61 -17.08
C LYS A 115 -12.51 1.85 -17.22
N VAL A 116 -11.90 3.00 -17.51
CA VAL A 116 -12.61 4.26 -17.71
C VAL A 116 -12.60 4.57 -19.20
N LEU A 117 -13.78 4.59 -19.82
CA LEU A 117 -13.90 4.76 -21.26
C LEU A 117 -14.05 6.24 -21.64
N GLU A 118 -13.63 6.56 -22.87
CA GLU A 118 -13.65 7.95 -23.33
C GLU A 118 -15.07 8.49 -23.33
N PRO A 119 -15.27 9.77 -22.94
CA PRO A 119 -16.63 10.35 -22.96
C PRO A 119 -17.11 10.64 -24.38
N GLY B 3 11.53 26.11 0.70
CA GLY B 3 10.60 25.91 -0.38
C GLY B 3 10.94 24.74 -1.30
N ALA B 4 11.36 23.65 -0.75
CA ALA B 4 11.54 22.52 -1.63
C ALA B 4 10.44 21.49 -1.39
N PRO B 5 10.12 20.64 -2.36
CA PRO B 5 9.19 19.54 -2.09
C PRO B 5 9.86 18.46 -1.24
N PRO B 6 9.10 17.48 -0.73
CA PRO B 6 9.73 16.41 0.06
C PRO B 6 10.77 15.69 -0.74
N THR B 7 11.92 15.40 -0.12
CA THR B 7 12.91 14.57 -0.78
C THR B 7 13.40 13.48 0.16
N ILE B 8 13.85 12.39 -0.42
CA ILE B 8 14.41 11.31 0.37
C ILE B 8 15.92 11.45 0.33
N GLN B 9 16.54 11.50 1.50
CA GLN B 9 17.93 11.86 1.60
C GLN B 9 18.80 10.61 1.78
N GLN B 10 19.99 10.61 1.17
CA GLN B 10 21.00 9.59 1.44
C GLN B 10 21.36 9.54 2.93
N PRO B 11 21.58 8.35 3.53
CA PRO B 11 21.36 7.03 2.94
C PRO B 11 20.04 6.46 3.38
N SER B 12 19.17 6.26 2.42
CA SER B 12 17.84 5.71 2.73
C SER B 12 17.68 4.39 2.00
N MET B 13 16.98 3.44 2.64
CA MET B 13 16.57 2.19 2.03
C MET B 13 17.77 1.49 1.41
N SER B 14 18.84 1.38 2.22
CA SER B 14 20.05 0.66 1.83
C SER B 14 19.76 -0.84 1.60
N SER B 15 20.32 -1.41 0.52
CA SER B 15 20.17 -2.84 0.30
C SER B 15 21.12 -3.59 1.20
N ALA B 16 20.67 -4.76 1.67
CA ALA B 16 21.38 -5.51 2.69
C ALA B 16 21.28 -7.02 2.44
N VAL B 17 22.28 -7.76 2.91
CA VAL B 17 22.15 -9.22 3.12
C VAL B 17 22.22 -9.45 4.62
N ALA B 18 21.20 -10.08 5.15
CA ALA B 18 21.07 -10.37 6.56
C ALA B 18 21.09 -11.88 6.75
N LEU B 19 21.29 -12.31 8.00
CA LEU B 19 21.24 -13.73 8.31
C LEU B 19 19.92 -14.06 8.98
N LEU B 20 19.47 -15.29 8.75
CA LEU B 20 18.21 -15.76 9.31
C LEU B 20 18.11 -15.42 10.79
N GLY B 21 16.97 -14.87 11.21
CA GLY B 21 16.79 -14.53 12.61
C GLY B 21 17.26 -13.15 13.04
N GLN B 22 18.09 -12.47 12.25
CA GLN B 22 18.39 -11.10 12.60
C GLN B 22 17.16 -10.22 12.49
N ASP B 23 17.17 -9.12 13.23
CA ASP B 23 16.29 -7.97 12.97
C ASP B 23 16.95 -7.06 11.93
N VAL B 24 16.16 -6.56 10.99
CA VAL B 24 16.67 -5.75 9.88
C VAL B 24 15.96 -4.40 9.88
N ASP B 25 16.73 -3.30 9.84
CA ASP B 25 16.14 -1.94 9.75
C ASP B 25 16.25 -1.38 8.33
N PHE B 26 15.18 -0.70 7.91
CA PHE B 26 15.19 0.15 6.74
C PHE B 26 14.86 1.56 7.17
N THR B 27 15.72 2.47 6.81
CA THR B 27 15.56 3.86 7.21
C THR B 27 15.19 4.70 5.99
N CYS B 28 14.19 5.54 6.17
CA CYS B 28 13.81 6.50 5.14
C CYS B 28 14.01 7.89 5.73
N ILE B 29 15.03 8.64 5.28
CA ILE B 29 15.26 10.01 5.78
C ILE B 29 14.55 10.99 4.86
N VAL B 30 13.59 11.76 5.39
CA VAL B 30 12.76 12.63 4.54
C VAL B 30 13.01 14.10 4.92
N ASN B 31 13.52 14.90 3.97
CA ASN B 31 13.59 16.35 4.14
C ASN B 31 12.31 17.00 3.60
N ASP B 32 11.80 18.01 4.34
CA ASP B 32 10.68 18.86 3.90
C ASP B 32 9.43 18.04 3.69
N LEU B 33 9.16 17.14 4.65
CA LEU B 33 7.97 16.34 4.57
C LEU B 33 6.72 17.24 4.60
N GLY B 34 6.76 18.32 5.35
CA GLY B 34 5.56 19.17 5.39
C GLY B 34 4.37 18.41 5.89
N SER B 35 3.22 18.60 5.22
CA SER B 35 2.00 17.89 5.60
C SER B 35 1.84 16.58 4.84
N HIS B 36 2.86 16.16 4.09
CA HIS B 36 2.81 14.90 3.40
C HIS B 36 2.94 13.75 4.41
N MET B 37 2.71 12.52 3.93
CA MET B 37 2.84 11.33 4.77
C MET B 37 3.68 10.24 4.11
N VAL B 38 4.16 9.32 4.95
CA VAL B 38 5.14 8.27 4.63
C VAL B 38 4.48 6.90 4.79
N ALA B 39 4.64 6.03 3.80
CA ALA B 39 4.21 4.63 3.97
C ALA B 39 5.36 3.67 3.63
N PHE B 40 5.41 2.53 4.31
CA PHE B 40 6.37 1.48 3.98
C PHE B 40 5.62 0.32 3.37
N VAL B 41 6.22 -0.26 2.33
CA VAL B 41 5.54 -1.27 1.52
C VAL B 41 6.54 -2.36 1.17
N LYS B 42 6.09 -3.61 1.15
CA LYS B 42 6.88 -4.69 0.56
C LYS B 42 6.52 -4.78 -0.92
N ALA B 43 7.51 -4.50 -1.78
CA ALA B 43 7.20 -4.37 -3.21
C ALA B 43 7.19 -5.74 -3.89
N ASP B 44 6.51 -6.71 -3.28
CA ASP B 44 6.18 -7.97 -3.96
C ASP B 44 5.04 -7.71 -4.95
N SER B 45 4.48 -8.81 -5.49
CA SER B 45 3.35 -8.75 -6.41
C SER B 45 2.30 -9.72 -5.89
N PRO B 46 1.23 -9.25 -5.25
CA PRO B 46 0.83 -7.86 -4.97
C PRO B 46 1.71 -7.20 -3.92
N PRO B 47 1.87 -5.88 -4.01
CA PRO B 47 2.59 -5.16 -2.96
C PRO B 47 1.78 -5.28 -1.68
N ARG B 48 2.48 -5.24 -0.54
CA ARG B 48 1.89 -5.40 0.79
C ARG B 48 2.16 -4.17 1.60
N LEU B 49 1.12 -3.58 2.18
CA LEU B 49 1.34 -2.39 3.01
C LEU B 49 1.94 -2.81 4.34
N LEU B 50 3.02 -2.17 4.77
CA LEU B 50 3.60 -2.45 6.07
C LEU B 50 3.27 -1.38 7.10
N SER B 51 3.30 -0.10 6.72
CA SER B 51 2.95 0.94 7.68
C SER B 51 2.50 2.17 6.90
N PHE B 52 1.65 2.98 7.50
CA PHE B 52 1.22 4.20 6.84
C PHE B 52 1.21 5.27 7.92
N ASP B 53 1.81 6.43 7.62
CA ASP B 53 1.93 7.50 8.60
C ASP B 53 2.62 6.92 9.82
N GLU B 54 2.05 7.01 11.02
CA GLU B 54 2.74 6.49 12.20
C GLU B 54 2.18 5.15 12.68
N LYS B 55 1.51 4.42 11.81
CA LYS B 55 0.77 3.23 12.21
C LYS B 55 1.27 2.01 11.43
N VAL B 56 1.59 0.94 12.16
CA VAL B 56 1.89 -0.35 11.56
C VAL B 56 0.58 -1.00 11.13
N PHE B 57 0.50 -1.41 9.86
CA PHE B 57 -0.75 -1.94 9.32
C PHE B 57 -1.08 -3.34 9.87
N ARG B 58 -0.09 -4.19 10.07
CA ARG B 58 -0.44 -5.53 10.59
C ARG B 58 0.79 -6.14 11.21
N ARG B 59 0.57 -7.25 11.92
CA ARG B 59 1.61 -8.04 12.57
C ARG B 59 2.58 -7.14 13.36
N ARG B 60 2.10 -6.65 14.51
CA ARG B 60 2.95 -5.77 15.33
C ARG B 60 4.10 -6.51 15.98
N ASN B 61 4.08 -7.85 16.00
CA ASN B 61 5.21 -8.60 16.50
CA ASN B 61 5.21 -8.60 16.50
C ASN B 61 6.23 -8.90 15.41
N LYS B 62 5.94 -8.57 14.15
CA LYS B 62 6.85 -8.73 13.02
C LYS B 62 7.44 -7.42 12.51
N TYR B 63 6.65 -6.35 12.54
CA TYR B 63 7.05 -5.07 11.97
C TYR B 63 6.95 -3.98 13.02
N GLU B 64 7.97 -3.12 13.10
CA GLU B 64 7.94 -2.00 14.02
C GLU B 64 8.24 -0.73 13.23
N LEU B 65 7.72 0.40 13.70
CA LEU B 65 7.98 1.67 13.05
C LEU B 65 8.42 2.68 14.10
N LYS B 66 9.52 3.38 13.81
CA LYS B 66 9.91 4.53 14.63
C LYS B 66 9.87 5.78 13.75
N PRO B 67 8.84 6.61 13.90
CA PRO B 67 8.66 7.74 12.99
C PRO B 67 9.38 8.97 13.51
N ARG B 68 9.95 9.75 12.60
CA ARG B 68 10.45 11.09 12.93
C ARG B 68 11.57 11.05 13.98
N ILE B 69 12.49 10.10 13.84
CA ILE B 69 13.59 10.08 14.82
C ILE B 69 14.86 10.66 14.20
N GLY B 70 16.00 10.42 14.85
CA GLY B 70 17.24 11.06 14.46
C GLY B 70 17.31 12.51 14.93
N ASP B 71 18.50 13.09 14.74
CA ASP B 71 18.77 14.44 15.22
C ASP B 71 17.78 15.46 14.66
N LEU B 72 17.45 15.36 13.37
CA LEU B 72 16.55 16.29 12.72
C LEU B 72 15.11 15.82 12.72
N HIS B 73 14.80 14.75 13.47
CA HIS B 73 13.43 14.26 13.62
C HIS B 73 12.78 13.98 12.28
N ASN B 74 13.57 13.54 11.31
CA ASN B 74 13.08 13.28 9.96
C ASN B 74 13.43 11.88 9.47
N GLU B 75 13.77 10.93 10.35
CA GLU B 75 14.14 9.58 9.92
C GLU B 75 13.02 8.63 10.31
N TRP B 76 12.57 7.85 9.37
CA TRP B 76 11.47 6.90 9.54
C TRP B 76 12.07 5.51 9.48
N VAL B 77 12.02 4.75 10.57
CA VAL B 77 12.71 3.46 10.63
C VAL B 77 11.71 2.32 10.71
N LEU B 78 11.74 1.46 9.69
CA LEU B 78 10.99 0.22 9.66
C LEU B 78 11.91 -0.92 10.08
N THR B 79 11.51 -1.63 11.12
CA THR B 79 12.24 -2.82 11.53
C THR B 79 11.47 -4.07 11.11
N ILE B 80 12.13 -5.01 10.44
CA ILE B 80 11.57 -6.35 10.24
C ILE B 80 12.21 -7.30 11.25
N LYS B 81 11.37 -7.88 12.10
CA LYS B 81 11.85 -8.79 13.15
C LYS B 81 12.11 -10.16 12.58
N ASN B 82 13.21 -10.78 13.05
CA ASN B 82 13.41 -12.22 12.95
C ASN B 82 13.35 -12.68 11.49
N VAL B 83 14.21 -12.11 10.65
CA VAL B 83 13.97 -12.24 9.22
C VAL B 83 14.11 -13.70 8.78
N GLN B 84 13.28 -14.09 7.81
CA GLN B 84 13.16 -15.45 7.29
C GLN B 84 13.35 -15.36 5.78
N GLU B 85 13.43 -16.49 5.10
CA GLU B 85 13.51 -16.46 3.64
C GLU B 85 12.32 -15.75 3.00
N SER B 86 11.14 -15.87 3.60
CA SER B 86 10.00 -15.17 3.06
C SER B 86 10.12 -13.65 3.15
N ASP B 87 11.08 -13.11 3.92
CA ASP B 87 11.20 -11.65 3.99
C ASP B 87 12.11 -11.09 2.91
N ARG B 88 12.80 -11.95 2.17
CA ARG B 88 13.58 -11.50 1.02
C ARG B 88 12.72 -10.68 0.10
N GLY B 89 13.33 -9.67 -0.53
CA GLY B 89 12.64 -8.91 -1.54
C GLY B 89 12.87 -7.44 -1.34
N ASN B 90 12.08 -6.65 -2.07
CA ASN B 90 12.24 -5.22 -2.16
C ASN B 90 11.30 -4.54 -1.18
N TYR B 91 11.82 -3.55 -0.46
CA TYR B 91 11.07 -2.74 0.48
C TYR B 91 11.11 -1.30 0.02
N SER B 92 9.96 -0.63 0.02
CA SER B 92 9.90 0.79 -0.36
C SER B 92 9.37 1.67 0.74
N CYS B 93 9.93 2.89 0.76
CA CYS B 93 9.48 4.07 1.48
C CYS B 93 8.76 4.91 0.42
N GLN B 94 7.49 5.25 0.65
CA GLN B 94 6.67 6.05 -0.29
C GLN B 94 6.27 7.34 0.40
N ILE B 95 6.40 8.49 -0.27
CA ILE B 95 5.82 9.77 0.22
C ILE B 95 4.68 10.09 -0.70
N ASN B 96 3.54 10.50 -0.14
CA ASN B 96 2.34 10.71 -0.96
C ASN B 96 2.33 12.04 -1.76
N THR B 97 3.48 12.49 -2.24
CA THR B 97 3.48 13.53 -3.27
C THR B 97 2.74 13.05 -4.50
N GLU B 98 2.54 13.95 -5.44
CA GLU B 98 1.98 13.57 -6.72
C GLU B 98 2.84 14.18 -7.81
N PRO B 99 3.59 13.39 -8.58
CA PRO B 99 3.66 11.91 -8.49
C PRO B 99 4.34 11.46 -7.20
N ILE B 100 4.17 10.17 -6.84
CA ILE B 100 4.73 9.73 -5.56
C ILE B 100 6.27 9.81 -5.61
N THR B 101 6.85 10.01 -4.47
CA THR B 101 8.27 9.93 -4.26
C THR B 101 8.61 8.59 -3.58
N LEU B 102 9.52 7.81 -4.18
CA LEU B 102 9.84 6.44 -3.71
C LEU B 102 11.35 6.27 -3.50
N SER B 103 11.71 5.49 -2.50
CA SER B 103 13.04 4.91 -2.40
C SER B 103 12.92 3.43 -2.02
N THR B 104 13.66 2.53 -2.74
CA THR B 104 13.50 1.08 -2.59
C THR B 104 14.84 0.40 -2.32
N GLY B 105 14.88 -0.54 -1.39
CA GLY B 105 16.08 -1.31 -1.13
C GLY B 105 15.75 -2.78 -1.05
N GLU B 106 16.72 -3.61 -1.40
CA GLU B 106 16.52 -5.05 -1.51
C GLU B 106 17.15 -5.77 -0.32
N LEU B 107 16.38 -6.68 0.26
CA LEU B 107 16.82 -7.53 1.37
C LEU B 107 17.06 -8.96 0.86
N ASP B 108 18.28 -9.44 1.04
CA ASP B 108 18.58 -10.87 0.96
C ASP B 108 18.73 -11.44 2.36
N VAL B 109 18.38 -12.71 2.51
CA VAL B 109 18.44 -13.42 3.79
C VAL B 109 19.13 -14.76 3.54
N LYS B 110 20.24 -15.01 4.22
CA LYS B 110 21.01 -16.25 4.05
C LYS B 110 20.76 -17.17 5.22
N VAL B 111 20.69 -18.47 4.94
CA VAL B 111 20.48 -19.50 5.95
C VAL B 111 21.83 -20.11 6.30
N PRO B 112 22.19 -20.26 7.60
CA PRO B 112 23.47 -20.86 8.08
C PRO B 112 23.90 -22.11 7.31
#